data_6EIM
#
_entry.id   6EIM
#
_cell.length_a   49.468
_cell.length_b   99.812
_cell.length_c   125.839
_cell.angle_alpha   90.000
_cell.angle_beta   90.000
_cell.angle_gamma   90.000
#
_symmetry.space_group_name_H-M   'P 21 21 21'
#
loop_
_entity.id
_entity.type
_entity.pdbx_description
1 polymer 'Serine/threonine-protein kinase 10'
2 non-polymer 1,2-ETHANEDIOL
3 non-polymer ~{N}-[5-[4-[[2-fluoranyl-5-(trifluoromethyl)phenyl]carbamoylamino]phenoxy]-1~{H}-benzimidazol-2-yl]furan-2-carboxamide
4 water water
#
_entity_poly.entity_id   1
_entity_poly.type   'polypeptide(L)'
_entity_poly.pdbx_seq_one_letter_code
;SMRKSREYEHVRRDLDPNEVWEIVGELGDGAFGKVYKAKNKETGALAAAKVIETKSEEELEDYIVEIEILATCDHPYIVK
LLGAYYHDGKLWIMIEFCPGGAVDAIMLELDRGLTEPQIQVVCRQMLEALNFLHSKRIIHRDLKAGNVLMTLEGDIRLAD
FGVSAKNLKTLQKRDSFIGTPYWMAPEVVMCETMKDTPYDYKADIWSLGITLIEMAQIEPPHHELNPMRVLLAIAASDPP
TLLTPSKWSVEFRDFLAIALDKNPETRPSAAQLLEHPFVSSITSNKALRELVAEAKAEVMEE
;
_entity_poly.pdbx_strand_id   A,B
#
# COMPACT_ATOMS: atom_id res chain seq x y z
N VAL A 11 23.83 10.70 6.42
CA VAL A 11 24.37 10.22 7.68
C VAL A 11 25.90 10.32 7.67
N ARG A 12 26.46 10.87 8.74
CA ARG A 12 27.90 10.98 8.88
C ARG A 12 28.45 9.67 9.43
N ARG A 13 29.54 9.18 8.83
CA ARG A 13 30.15 7.91 9.21
C ARG A 13 31.54 8.05 9.81
N ASP A 14 32.19 9.20 9.64
CA ASP A 14 33.58 9.36 10.01
C ASP A 14 33.78 9.92 11.41
N LEU A 15 32.69 10.18 12.15
CA LEU A 15 32.79 10.85 13.44
C LEU A 15 32.06 10.05 14.49
N ASP A 16 32.69 9.93 15.66
CA ASP A 16 32.08 9.32 16.84
C ASP A 16 31.14 10.35 17.47
N PRO A 17 29.83 10.13 17.46
CA PRO A 17 28.92 11.13 18.04
C PRO A 17 29.22 11.45 19.50
N ASN A 18 29.76 10.51 20.26
CA ASN A 18 30.08 10.77 21.67
C ASN A 18 31.12 11.87 21.83
N GLU A 19 31.89 12.17 20.78
CA GLU A 19 32.82 13.30 20.82
C GLU A 19 32.09 14.63 20.68
N VAL A 20 30.85 14.61 20.19
CA VAL A 20 30.08 15.82 19.99
C VAL A 20 29.01 16.02 21.07
N TRP A 21 28.42 14.93 21.57
CA TRP A 21 27.23 14.99 22.39
C TRP A 21 27.47 14.19 23.65
N GLU A 22 27.11 14.76 24.81
CA GLU A 22 27.11 14.05 26.07
C GLU A 22 25.69 13.59 26.36
N ILE A 23 25.53 12.34 26.75
CA ILE A 23 24.24 11.81 27.16
C ILE A 23 24.01 12.19 28.61
N VAL A 24 22.92 12.93 28.87
CA VAL A 24 22.63 13.45 30.19
C VAL A 24 21.32 12.92 30.76
N GLY A 25 20.61 12.08 30.03
CA GLY A 25 19.37 11.53 30.53
C GLY A 25 18.64 10.77 29.43
N GLU A 26 17.41 10.37 29.75
CA GLU A 26 16.58 9.62 28.83
C GLU A 26 15.23 10.31 28.69
N LEU A 27 14.70 10.30 27.47
CA LEU A 27 13.42 10.91 27.18
C LEU A 27 12.40 9.84 26.80
N LYS A 34 14.45 3.93 22.35
CA LYS A 34 15.46 4.54 23.20
C LYS A 34 15.84 5.92 22.68
N VAL A 35 15.38 6.96 23.38
CA VAL A 35 15.68 8.34 23.04
C VAL A 35 16.35 8.98 24.25
N TYR A 36 17.56 9.48 24.05
CA TYR A 36 18.33 10.09 25.13
C TYR A 36 18.23 11.61 25.06
N LYS A 37 18.43 12.23 26.21
CA LYS A 37 18.65 13.67 26.26
C LYS A 37 20.15 13.89 26.18
N ALA A 38 20.56 14.78 25.28
CA ALA A 38 21.96 14.98 25.00
C ALA A 38 22.31 16.45 25.11
N LYS A 39 23.56 16.72 25.48
CA LYS A 39 24.06 18.08 25.62
C LYS A 39 25.28 18.23 24.74
N ASN A 40 25.24 19.24 23.87
CA ASN A 40 26.37 19.50 22.98
C ASN A 40 27.58 19.90 23.81
N LYS A 41 28.68 19.17 23.65
CA LYS A 41 29.86 19.43 24.45
C LYS A 41 30.48 20.79 24.17
N GLU A 42 30.24 21.36 22.99
CA GLU A 42 30.81 22.65 22.63
C GLU A 42 29.92 23.82 23.04
N THR A 43 28.61 23.69 22.86
CA THR A 43 27.69 24.80 23.05
C THR A 43 26.77 24.65 24.26
N GLY A 44 26.60 23.43 24.78
CA GLY A 44 25.63 23.18 25.82
C GLY A 44 24.21 23.06 25.34
N ALA A 45 23.97 23.18 24.03
CA ALA A 45 22.63 23.04 23.49
C ALA A 45 22.08 21.65 23.81
N LEU A 46 20.78 21.60 24.04
CA LEU A 46 20.11 20.35 24.41
C LEU A 46 19.39 19.77 23.21
N ALA A 47 19.47 18.46 23.07
CA ALA A 47 18.86 17.75 21.96
C ALA A 47 18.35 16.40 22.46
N ALA A 48 17.47 15.80 21.66
CA ALA A 48 17.14 14.40 21.80
C ALA A 48 18.02 13.61 20.85
N ALA A 49 18.50 12.46 21.32
CA ALA A 49 19.31 11.56 20.52
C ALA A 49 18.55 10.25 20.40
N LYS A 50 17.94 10.02 19.24
CA LYS A 50 17.31 8.74 18.93
C LYS A 50 18.41 7.83 18.39
N VAL A 51 18.73 6.78 19.15
CA VAL A 51 19.83 5.88 18.83
C VAL A 51 19.25 4.51 18.52
N ILE A 52 19.52 4.02 17.32
CA ILE A 52 18.99 2.75 16.85
C ILE A 52 20.17 1.82 16.59
N GLU A 53 20.21 0.70 17.32
CA GLU A 53 21.22 -0.31 17.08
C GLU A 53 20.82 -1.11 15.85
N THR A 54 21.60 -0.98 14.77
CA THR A 54 21.32 -1.67 13.52
C THR A 54 22.28 -2.84 13.36
N LYS A 55 21.78 -3.92 12.79
CA LYS A 55 22.56 -5.14 12.65
C LYS A 55 23.43 -5.16 11.40
N SER A 56 23.05 -4.42 10.35
CA SER A 56 23.77 -4.49 9.08
C SER A 56 23.61 -3.15 8.35
N GLU A 57 24.28 -3.06 7.19
CA GLU A 57 24.21 -1.84 6.39
C GLU A 57 22.84 -1.69 5.75
N GLU A 58 22.27 -2.80 5.25
CA GLU A 58 20.91 -2.77 4.73
C GLU A 58 19.93 -2.27 5.78
N GLU A 59 20.12 -2.68 7.04
CA GLU A 59 19.30 -2.16 8.12
C GLU A 59 19.51 -0.66 8.29
N LEU A 60 20.76 -0.20 8.16
CA LEU A 60 21.04 1.23 8.23
C LEU A 60 20.33 2.00 7.13
N GLU A 61 19.98 1.35 6.02
CA GLU A 61 19.35 2.05 4.91
C GLU A 61 17.87 2.31 5.19
N ASP A 62 17.18 1.34 5.79
CA ASP A 62 15.76 1.52 6.11
C ASP A 62 15.57 2.68 7.08
N TYR A 63 16.36 2.71 8.15
CA TYR A 63 16.19 3.74 9.17
C TYR A 63 16.54 5.13 8.64
N ILE A 64 17.42 5.20 7.64
CA ILE A 64 17.83 6.50 7.10
C ILE A 64 16.66 7.21 6.43
N VAL A 65 15.58 6.50 6.10
CA VAL A 65 14.42 7.16 5.52
C VAL A 65 13.88 8.22 6.47
N GLU A 66 13.92 7.95 7.78
CA GLU A 66 13.46 8.96 8.74
C GLU A 66 14.30 10.22 8.64
N ILE A 67 15.61 10.07 8.42
CA ILE A 67 16.48 11.22 8.25
C ILE A 67 16.11 11.97 6.97
N GLU A 68 15.87 11.25 5.88
CA GLU A 68 15.45 11.87 4.63
C GLU A 68 14.21 12.73 4.85
N ILE A 69 13.21 12.17 5.55
CA ILE A 69 11.98 12.91 5.83
C ILE A 69 12.29 14.15 6.66
N LEU A 70 13.02 13.97 7.77
CA LEU A 70 13.27 15.09 8.65
C LEU A 70 14.11 16.17 7.98
N ALA A 71 15.03 15.76 7.10
CA ALA A 71 15.89 16.74 6.44
C ALA A 71 15.08 17.63 5.49
N THR A 72 14.06 17.07 4.85
N THR A 72 14.07 17.08 4.81
CA THR A 72 13.23 17.83 3.93
CA THR A 72 13.26 17.90 3.94
C THR A 72 12.17 18.64 4.67
C THR A 72 12.21 18.71 4.69
N CYS A 73 11.90 18.33 5.94
CA CYS A 73 10.86 19.00 6.71
C CYS A 73 11.46 20.12 7.56
N ASP A 74 11.88 21.22 6.92
N ASP A 74 12.01 21.09 6.85
CA ASP A 74 12.52 22.31 7.67
CA ASP A 74 12.40 22.38 7.40
C ASP A 74 11.54 23.36 8.21
C ASP A 74 11.17 23.26 7.32
N HIS A 75 10.26 23.05 8.25
CA HIS A 75 9.21 24.02 8.55
C HIS A 75 9.24 24.40 10.02
N PRO A 76 8.81 25.62 10.38
CA PRO A 76 8.91 26.05 11.79
C PRO A 76 8.19 25.15 12.78
N TYR A 77 7.13 24.48 12.37
CA TYR A 77 6.27 23.74 13.30
C TYR A 77 6.49 22.23 13.23
N ILE A 78 7.63 21.78 12.72
N ILE A 78 7.62 21.79 12.68
CA ILE A 78 8.00 20.37 12.69
CA ILE A 78 8.03 20.38 12.68
C ILE A 78 9.34 20.22 13.40
C ILE A 78 9.29 20.28 13.52
N VAL A 79 9.48 19.11 14.14
CA VAL A 79 10.73 18.85 14.88
C VAL A 79 11.93 19.12 13.98
N LYS A 80 13.02 19.61 14.57
CA LYS A 80 14.17 20.13 13.84
C LYS A 80 15.32 19.14 13.90
N LEU A 81 15.66 18.56 12.75
CA LEU A 81 16.84 17.71 12.66
C LEU A 81 18.11 18.55 12.80
N LEU A 82 18.98 18.14 13.72
CA LEU A 82 20.28 18.78 13.89
C LEU A 82 21.40 18.05 13.17
N GLY A 83 21.28 16.75 12.99
CA GLY A 83 22.32 15.98 12.34
C GLY A 83 22.08 14.50 12.56
N ALA A 84 22.89 13.70 11.88
CA ALA A 84 22.76 12.25 11.97
C ALA A 84 24.15 11.62 11.87
N TYR A 85 24.35 10.54 12.62
CA TYR A 85 25.61 9.81 12.62
C TYR A 85 25.33 8.33 12.54
N TYR A 86 26.28 7.59 11.96
CA TYR A 86 26.30 6.14 12.02
C TYR A 86 27.68 5.72 12.50
N HIS A 87 27.74 5.08 13.66
CA HIS A 87 29.02 4.71 14.24
C HIS A 87 28.82 3.54 15.20
N ASP A 88 29.77 2.60 15.18
CA ASP A 88 29.72 1.42 16.03
C ASP A 88 28.37 0.71 15.92
N GLY A 89 27.86 0.66 14.69
CA GLY A 89 26.62 -0.06 14.41
C GLY A 89 25.36 0.61 14.93
N LYS A 90 25.44 1.87 15.34
CA LYS A 90 24.28 2.60 15.86
C LYS A 90 24.07 3.84 15.01
N LEU A 91 22.82 4.05 14.61
CA LEU A 91 22.42 5.27 13.92
C LEU A 91 21.93 6.28 14.95
N TRP A 92 22.52 7.46 14.96
CA TRP A 92 22.11 8.54 15.85
C TRP A 92 21.33 9.57 15.05
N ILE A 93 20.12 9.88 15.49
CA ILE A 93 19.32 10.96 14.91
C ILE A 93 19.16 12.03 15.97
N MET A 94 19.70 13.22 15.70
CA MET A 94 19.73 14.30 16.66
C MET A 94 18.63 15.30 16.33
N ILE A 95 17.77 15.59 17.31
CA ILE A 95 16.64 16.48 17.12
C ILE A 95 16.66 17.54 18.22
N GLU A 96 16.34 18.77 17.84
CA GLU A 96 16.37 19.86 18.81
C GLU A 96 15.40 19.58 19.95
N PHE A 97 15.91 19.70 21.18
CA PHE A 97 15.09 19.46 22.36
C PHE A 97 13.96 20.49 22.43
N CYS A 98 12.81 20.03 22.90
CA CYS A 98 11.56 20.80 22.93
C CYS A 98 11.20 20.95 24.40
N PRO A 99 11.53 22.07 25.03
CA PRO A 99 11.45 22.16 26.49
C PRO A 99 10.05 22.22 27.06
N GLY A 100 9.02 22.36 26.23
CA GLY A 100 7.65 22.30 26.70
C GLY A 100 7.07 20.91 26.76
N GLY A 101 7.79 19.91 26.26
CA GLY A 101 7.28 18.55 26.24
C GLY A 101 6.11 18.41 25.28
N ALA A 102 5.37 17.33 25.45
CA ALA A 102 4.24 17.03 24.58
C ALA A 102 2.92 17.44 25.23
N VAL A 103 1.91 17.68 24.38
CA VAL A 103 0.63 18.19 24.87
C VAL A 103 -0.07 17.17 25.76
N ASP A 104 0.06 15.88 25.48
CA ASP A 104 -0.61 14.90 26.32
C ASP A 104 -0.12 14.98 27.77
N ALA A 105 1.18 15.20 27.96
CA ALA A 105 1.71 15.32 29.32
C ALA A 105 1.21 16.58 30.00
N ILE A 106 1.04 17.66 29.24
CA ILE A 106 0.48 18.89 29.80
C ILE A 106 -0.89 18.62 30.40
N MET A 107 -1.76 17.92 29.66
CA MET A 107 -3.10 17.64 30.14
C MET A 107 -3.07 16.71 31.35
N LEU A 108 -2.17 15.71 31.35
CA LEU A 108 -2.04 14.84 32.50
C LEU A 108 -1.63 15.63 33.74
N GLU A 109 -0.67 16.55 33.58
CA GLU A 109 -0.13 17.29 34.71
C GLU A 109 -1.16 18.25 35.28
N LEU A 110 -1.88 18.97 34.42
CA LEU A 110 -2.88 19.92 34.87
C LEU A 110 -4.23 19.29 35.13
N ASP A 111 -4.39 18.01 34.79
CA ASP A 111 -5.66 17.30 34.96
C ASP A 111 -6.82 18.08 34.35
N ARG A 112 -6.59 18.57 33.13
CA ARG A 112 -7.63 19.29 32.41
C ARG A 112 -7.26 19.33 30.94
N GLY A 113 -8.28 19.51 30.11
CA GLY A 113 -8.05 19.76 28.70
C GLY A 113 -7.63 21.18 28.46
N LEU A 114 -7.30 21.45 27.19
CA LEU A 114 -6.94 22.80 26.77
C LEU A 114 -8.18 23.69 26.69
N THR A 115 -7.98 24.99 26.90
CA THR A 115 -9.02 25.96 26.65
C THR A 115 -9.18 26.14 25.14
N GLU A 116 -10.31 26.72 24.74
CA GLU A 116 -10.51 26.93 23.31
C GLU A 116 -9.44 27.82 22.69
N PRO A 117 -9.03 28.95 23.30
CA PRO A 117 -7.93 29.71 22.71
C PRO A 117 -6.65 28.90 22.56
N GLN A 118 -6.37 28.01 23.51
CA GLN A 118 -5.19 27.16 23.39
C GLN A 118 -5.34 26.18 22.23
N ILE A 119 -6.51 25.56 22.09
CA ILE A 119 -6.75 24.65 20.97
C ILE A 119 -6.63 25.40 19.64
N GLN A 120 -7.08 26.65 19.61
CA GLN A 120 -7.01 27.40 18.35
C GLN A 120 -5.58 27.55 17.87
N VAL A 121 -4.64 27.85 18.78
CA VAL A 121 -3.25 28.00 18.38
C VAL A 121 -2.69 26.66 17.90
N VAL A 122 -2.93 25.59 18.66
CA VAL A 122 -2.45 24.28 18.25
C VAL A 122 -3.02 23.93 16.88
N CYS A 123 -4.32 24.15 16.70
CA CYS A 123 -4.97 23.79 15.45
C CYS A 123 -4.40 24.56 14.28
N ARG A 124 -4.27 25.89 14.44
CA ARG A 124 -3.68 26.71 13.39
C ARG A 124 -2.29 26.20 13.02
N GLN A 125 -1.45 25.95 14.01
CA GLN A 125 -0.07 25.55 13.73
C GLN A 125 -0.01 24.13 13.15
N MET A 126 -0.83 23.21 13.66
CA MET A 126 -0.90 21.88 13.08
C MET A 126 -1.34 21.93 11.63
N LEU A 127 -2.31 22.80 11.31
CA LEU A 127 -2.75 22.94 9.93
C LEU A 127 -1.62 23.46 9.03
N GLU A 128 -0.87 24.45 9.51
N GLU A 128 -0.84 24.42 9.51
CA GLU A 128 0.27 24.92 8.75
CA GLU A 128 0.27 24.91 8.70
C GLU A 128 1.28 23.80 8.51
C GLU A 128 1.34 23.84 8.52
N ALA A 129 1.57 23.03 9.56
CA ALA A 129 2.52 21.92 9.43
C ALA A 129 1.99 20.88 8.44
N LEU A 130 0.71 20.54 8.54
CA LEU A 130 0.16 19.52 7.65
C LEU A 130 0.13 20.00 6.20
N ASN A 131 -0.27 21.25 5.98
CA ASN A 131 -0.23 21.81 4.64
C ASN A 131 1.17 21.72 4.07
N PHE A 132 2.19 22.01 4.89
CA PHE A 132 3.57 21.88 4.45
C PHE A 132 3.92 20.44 4.12
N LEU A 133 3.62 19.51 5.04
CA LEU A 133 3.94 18.11 4.80
C LEU A 133 3.28 17.63 3.51
N HIS A 134 1.98 17.89 3.38
CA HIS A 134 1.25 17.39 2.22
C HIS A 134 1.74 18.02 0.93
N SER A 135 2.27 19.25 1.00
CA SER A 135 2.86 19.87 -0.19
C SER A 135 4.13 19.15 -0.63
N LYS A 136 4.79 18.43 0.27
CA LYS A 136 5.94 17.61 -0.07
C LYS A 136 5.56 16.15 -0.26
N ARG A 137 4.27 15.84 -0.31
CA ARG A 137 3.76 14.48 -0.47
C ARG A 137 4.06 13.58 0.71
N ILE A 138 4.39 14.16 1.87
CA ILE A 138 4.59 13.41 3.10
C ILE A 138 3.27 13.37 3.85
N ILE A 139 2.92 12.20 4.36
CA ILE A 139 1.77 12.05 5.24
C ILE A 139 2.28 11.64 6.61
N HIS A 140 1.49 11.98 7.63
CA HIS A 140 1.89 11.76 9.01
C HIS A 140 1.34 10.45 9.55
N ARG A 141 0.01 10.31 9.56
CA ARG A 141 -0.72 9.07 9.81
C ARG A 141 -0.74 8.64 11.27
N ASP A 142 -0.17 9.40 12.19
CA ASP A 142 -0.28 9.08 13.61
C ASP A 142 -0.46 10.36 14.43
N LEU A 143 -1.26 11.30 13.92
CA LEU A 143 -1.50 12.53 14.66
C LEU A 143 -2.23 12.25 15.96
N LYS A 144 -1.77 12.89 17.04
CA LYS A 144 -2.31 12.73 18.37
C LYS A 144 -1.55 13.70 19.28
N ALA A 145 -2.13 13.99 20.44
CA ALA A 145 -1.53 15.01 21.29
C ALA A 145 -0.12 14.63 21.74
N GLY A 146 0.17 13.33 21.85
CA GLY A 146 1.49 12.89 22.25
C GLY A 146 2.56 13.16 21.22
N ASN A 147 2.18 13.45 19.98
CA ASN A 147 3.12 13.80 18.93
C ASN A 147 3.27 15.30 18.74
N VAL A 148 2.65 16.12 19.59
CA VAL A 148 2.74 17.57 19.48
C VAL A 148 3.66 18.04 20.61
N LEU A 149 4.93 18.24 20.27
CA LEU A 149 5.89 18.80 21.20
C LEU A 149 5.74 20.32 21.22
N MET A 150 6.32 20.95 22.24
N MET A 150 6.32 20.96 22.23
CA MET A 150 6.14 22.38 22.50
CA MET A 150 6.15 22.40 22.39
C MET A 150 7.47 23.05 22.83
C MET A 150 7.45 23.05 22.81
N THR A 151 7.60 24.31 22.43
CA THR A 151 8.72 25.15 22.84
C THR A 151 8.23 26.12 23.91
N LEU A 152 9.19 26.80 24.54
CA LEU A 152 8.83 27.79 25.55
C LEU A 152 8.13 28.99 24.95
N GLU A 153 8.35 29.27 23.67
CA GLU A 153 7.72 30.41 23.04
C GLU A 153 6.25 30.16 22.72
N GLY A 154 5.76 28.94 22.95
CA GLY A 154 4.38 28.62 22.67
C GLY A 154 4.14 28.09 21.27
N ASP A 155 5.16 27.57 20.60
CA ASP A 155 5.00 26.97 19.29
C ASP A 155 5.08 25.46 19.39
N ILE A 156 4.33 24.80 18.50
CA ILE A 156 4.39 23.35 18.40
C ILE A 156 5.64 22.95 17.60
N ARG A 157 6.03 21.70 17.81
CA ARG A 157 6.95 20.98 16.94
C ARG A 157 6.32 19.61 16.74
N LEU A 158 5.78 19.39 15.55
CA LEU A 158 5.12 18.12 15.25
C LEU A 158 6.15 17.01 15.12
N ALA A 159 5.93 15.92 15.84
CA ALA A 159 6.77 14.73 15.79
C ALA A 159 5.94 13.56 15.25
N ASP A 160 6.65 12.49 14.89
CA ASP A 160 6.01 11.22 14.49
C ASP A 160 6.84 10.12 15.17
N PHE A 161 6.56 9.90 16.46
CA PHE A 161 7.41 9.05 17.30
C PHE A 161 7.31 7.58 16.91
N GLY A 162 6.12 7.11 16.59
CA GLY A 162 5.86 5.68 16.61
C GLY A 162 6.08 4.93 15.32
N VAL A 163 6.77 5.53 14.34
CA VAL A 163 6.86 4.94 13.01
C VAL A 163 7.85 3.78 13.03
N SER A 164 7.55 2.75 12.23
CA SER A 164 8.44 1.62 12.03
C SER A 164 9.26 1.84 10.75
N ALA A 165 10.40 1.14 10.67
CA ALA A 165 11.25 1.25 9.50
C ALA A 165 10.48 0.94 8.22
N LYS A 166 9.67 -0.12 8.23
CA LYS A 166 8.91 -0.47 7.05
C LYS A 166 7.94 0.63 6.66
N ASN A 167 7.34 1.29 7.65
CA ASN A 167 6.30 2.28 7.35
C ASN A 167 6.86 3.64 6.98
N LEU A 168 8.12 3.93 7.33
CA LEU A 168 8.72 5.21 6.93
C LEU A 168 8.60 5.44 5.43
N LYS A 169 8.86 4.41 4.64
CA LYS A 169 8.81 4.56 3.18
C LYS A 169 7.42 5.00 2.73
N THR A 170 6.38 4.47 3.37
CA THR A 170 5.01 4.79 2.97
C THR A 170 4.67 6.24 3.29
N LEU A 171 5.15 6.76 4.42
CA LEU A 171 4.91 8.17 4.73
C LEU A 171 5.53 9.06 3.66
N GLN A 172 6.64 8.63 3.08
CA GLN A 172 7.36 9.41 2.10
C GLN A 172 6.68 9.34 0.72
N LYS A 173 6.24 8.14 0.32
CA LYS A 173 5.60 7.99 -0.98
C LYS A 173 4.76 6.72 -0.98
N ARG A 174 3.57 6.80 -1.56
CA ARG A 174 2.70 5.64 -1.71
C ARG A 174 2.96 4.95 -3.04
N ASP A 175 2.85 3.62 -3.04
CA ASP A 175 2.97 2.86 -4.27
C ASP A 175 1.77 3.12 -5.17
N SER A 176 2.00 3.07 -6.47
CA SER A 176 0.88 3.05 -7.41
C SER A 176 0.10 1.75 -7.25
N PHE A 177 -1.15 1.77 -7.67
CA PHE A 177 -2.01 0.60 -7.51
C PHE A 177 -1.56 -0.54 -8.42
N ILE A 178 -1.86 -1.76 -7.98
CA ILE A 178 -1.58 -2.96 -8.76
C ILE A 178 -2.87 -3.39 -9.44
N GLY A 179 -2.79 -3.66 -10.74
CA GLY A 179 -3.90 -4.22 -11.49
C GLY A 179 -4.21 -3.42 -12.74
N THR A 180 -5.05 -4.02 -13.57
CA THR A 180 -5.56 -3.37 -14.76
C THR A 180 -7.01 -2.98 -14.52
N PRO A 181 -7.38 -1.71 -14.73
CA PRO A 181 -8.70 -1.24 -14.25
C PRO A 181 -9.90 -2.12 -14.56
N TYR A 182 -10.06 -2.58 -15.81
CA TYR A 182 -11.31 -3.26 -16.18
C TYR A 182 -11.56 -4.50 -15.36
N TRP A 183 -10.49 -5.14 -14.85
CA TRP A 183 -10.59 -6.40 -14.14
C TRP A 183 -10.55 -6.23 -12.62
N MET A 184 -10.51 -5.00 -12.13
N MET A 184 -10.50 -5.01 -12.12
CA MET A 184 -10.28 -4.73 -10.71
CA MET A 184 -10.21 -4.81 -10.70
C MET A 184 -11.52 -5.01 -9.88
C MET A 184 -11.46 -4.92 -9.84
N ALA A 185 -11.30 -5.57 -8.69
CA ALA A 185 -12.38 -5.75 -7.74
C ALA A 185 -12.79 -4.41 -7.13
N PRO A 186 -14.05 -4.27 -6.73
CA PRO A 186 -14.51 -2.98 -6.18
C PRO A 186 -13.73 -2.50 -4.97
N GLU A 187 -13.30 -3.42 -4.10
CA GLU A 187 -12.56 -2.97 -2.92
C GLU A 187 -11.18 -2.46 -3.30
N VAL A 188 -10.59 -3.00 -4.38
CA VAL A 188 -9.31 -2.49 -4.86
C VAL A 188 -9.51 -1.11 -5.51
N VAL A 189 -10.55 -0.96 -6.33
CA VAL A 189 -10.89 0.36 -6.85
C VAL A 189 -11.01 1.36 -5.71
N MET A 190 -11.77 0.98 -4.68
CA MET A 190 -12.10 1.91 -3.60
C MET A 190 -10.87 2.27 -2.80
N CYS A 191 -10.03 1.29 -2.49
CA CYS A 191 -8.96 1.47 -1.51
C CYS A 191 -7.59 1.75 -2.11
N GLU A 192 -7.38 1.45 -3.39
N GLU A 192 -7.38 1.49 -3.39
CA GLU A 192 -6.05 1.53 -3.99
CA GLU A 192 -6.04 1.55 -3.96
C GLU A 192 -5.93 2.54 -5.11
C GLU A 192 -5.90 2.47 -5.17
N THR A 193 -6.97 2.73 -5.94
CA THR A 193 -6.80 3.52 -7.15
C THR A 193 -6.60 5.01 -6.90
N MET A 194 -6.85 5.49 -5.68
N MET A 194 -6.85 5.49 -5.68
CA MET A 194 -6.58 6.88 -5.32
CA MET A 194 -6.57 6.89 -5.33
C MET A 194 -5.24 7.05 -4.61
C MET A 194 -5.26 7.05 -4.57
N LYS A 195 -4.52 5.96 -4.35
CA LYS A 195 -3.22 6.08 -3.71
C LYS A 195 -2.24 6.77 -4.64
N ASP A 196 -1.22 7.40 -4.05
CA ASP A 196 -0.26 8.19 -4.80
C ASP A 196 -0.91 9.42 -5.43
N THR A 197 -1.99 9.91 -4.80
CA THR A 197 -2.63 11.17 -5.17
C THR A 197 -2.93 11.91 -3.87
N PRO A 198 -3.38 13.17 -3.93
CA PRO A 198 -3.69 13.90 -2.70
C PRO A 198 -4.80 13.29 -1.86
N TYR A 199 -5.53 12.30 -2.37
CA TYR A 199 -6.45 11.54 -1.54
C TYR A 199 -5.74 11.03 -0.30
N ASP A 200 -4.46 10.66 -0.44
CA ASP A 200 -3.69 10.14 0.68
C ASP A 200 -3.59 11.13 1.83
N TYR A 201 -3.72 12.43 1.56
CA TYR A 201 -3.52 13.42 2.61
C TYR A 201 -4.75 13.58 3.50
N LYS A 202 -5.90 13.03 3.11
N LYS A 202 -5.89 13.02 3.10
CA LYS A 202 -7.13 13.29 3.81
CA LYS A 202 -7.13 13.31 3.82
C LYS A 202 -7.17 12.63 5.18
C LYS A 202 -7.19 12.62 5.18
N ALA A 203 -6.55 11.45 5.32
CA ALA A 203 -6.60 10.73 6.60
C ALA A 203 -6.09 11.61 7.73
N ASP A 204 -5.02 12.36 7.50
CA ASP A 204 -4.47 13.24 8.53
C ASP A 204 -5.48 14.29 8.99
N ILE A 205 -6.39 14.71 8.10
CA ILE A 205 -7.35 15.74 8.49
C ILE A 205 -8.34 15.19 9.50
N TRP A 206 -8.79 13.95 9.31
CA TRP A 206 -9.63 13.30 10.31
C TRP A 206 -8.88 13.17 11.63
N SER A 207 -7.64 12.66 11.58
CA SER A 207 -6.87 12.50 12.81
C SER A 207 -6.66 13.83 13.52
N LEU A 208 -6.52 14.91 12.75
CA LEU A 208 -6.43 16.24 13.36
C LEU A 208 -7.69 16.54 14.16
N GLY A 209 -8.86 16.26 13.58
CA GLY A 209 -10.10 16.48 14.29
C GLY A 209 -10.18 15.70 15.58
N ILE A 210 -9.77 14.42 15.55
CA ILE A 210 -9.76 13.61 16.77
C ILE A 210 -8.79 14.20 17.77
N THR A 211 -7.64 14.68 17.31
CA THR A 211 -6.66 15.29 18.20
C THR A 211 -7.25 16.52 18.89
N LEU A 212 -8.08 17.29 18.17
CA LEU A 212 -8.71 18.46 18.79
C LEU A 212 -9.68 18.04 19.89
N ILE A 213 -10.46 16.97 19.66
CA ILE A 213 -11.33 16.47 20.73
C ILE A 213 -10.50 15.97 21.89
N GLU A 214 -9.42 15.23 21.58
CA GLU A 214 -8.50 14.77 22.62
C GLU A 214 -8.00 15.95 23.47
N MET A 215 -7.66 17.05 22.82
CA MET A 215 -7.15 18.21 23.58
C MET A 215 -8.26 18.89 24.36
N ALA A 216 -9.49 18.86 23.85
CA ALA A 216 -10.61 19.44 24.57
C ALA A 216 -11.01 18.60 25.78
N GLN A 217 -10.86 17.27 25.69
CA GLN A 217 -11.44 16.34 26.66
C GLN A 217 -10.42 15.40 27.28
N ILE A 218 -9.12 15.61 27.02
CA ILE A 218 -8.01 14.82 27.54
C ILE A 218 -7.87 13.49 26.79
N GLU A 219 -8.98 12.80 26.55
CA GLU A 219 -8.96 11.50 25.90
C GLU A 219 -9.72 11.57 24.59
N PRO A 220 -9.34 10.75 23.60
CA PRO A 220 -10.07 10.75 22.33
C PRO A 220 -11.41 10.05 22.46
N PRO A 221 -12.29 10.20 21.47
CA PRO A 221 -13.56 9.46 21.50
C PRO A 221 -13.32 7.96 21.58
N HIS A 222 -14.28 7.27 22.21
CA HIS A 222 -14.25 5.81 22.35
C HIS A 222 -13.12 5.33 23.25
N HIS A 223 -12.57 6.22 24.09
CA HIS A 223 -11.40 5.87 24.89
C HIS A 223 -11.66 4.74 25.88
N GLU A 224 -12.92 4.50 26.24
CA GLU A 224 -13.23 3.43 27.19
C GLU A 224 -13.09 2.04 26.58
N LEU A 225 -13.03 1.93 25.26
CA LEU A 225 -12.90 0.66 24.58
C LEU A 225 -11.43 0.30 24.37
N ASN A 226 -11.17 -0.99 24.16
CA ASN A 226 -9.81 -1.39 23.88
C ASN A 226 -9.44 -1.05 22.44
N PRO A 227 -8.14 -1.05 22.10
CA PRO A 227 -7.72 -0.53 20.79
C PRO A 227 -8.24 -1.30 19.60
N MET A 228 -8.38 -2.62 19.69
CA MET A 228 -8.93 -3.36 18.56
C MET A 228 -10.42 -3.13 18.44
N ARG A 229 -11.11 -3.03 19.59
CA ARG A 229 -12.55 -2.79 19.58
C ARG A 229 -12.89 -1.42 18.98
N VAL A 230 -12.02 -0.42 19.14
CA VAL A 230 -12.36 0.90 18.66
C VAL A 230 -12.37 0.94 17.13
N LEU A 231 -11.60 0.07 16.48
CA LEU A 231 -11.64 0.02 15.03
C LEU A 231 -13.07 -0.28 14.55
N LEU A 232 -13.76 -1.18 15.25
CA LEU A 232 -15.15 -1.48 14.92
C LEU A 232 -16.04 -0.27 15.17
N ALA A 233 -15.81 0.43 16.28
CA ALA A 233 -16.64 1.58 16.62
C ALA A 233 -16.48 2.71 15.61
N ILE A 234 -15.25 2.94 15.13
CA ILE A 234 -15.04 3.99 14.14
C ILE A 234 -15.83 3.69 12.88
N ALA A 235 -15.81 2.43 12.43
CA ALA A 235 -16.56 2.05 11.23
C ALA A 235 -18.06 2.19 11.45
N ALA A 236 -18.55 1.82 12.63
CA ALA A 236 -19.98 1.72 12.88
C ALA A 236 -20.62 3.05 13.26
N SER A 237 -19.85 4.01 13.77
CA SER A 237 -20.41 5.17 14.44
C SER A 237 -20.42 6.39 13.52
N ASP A 238 -21.37 7.29 13.78
CA ASP A 238 -21.32 8.62 13.20
C ASP A 238 -20.06 9.32 13.71
N PRO A 239 -19.64 10.41 13.06
CA PRO A 239 -18.46 11.11 13.52
C PRO A 239 -18.66 11.59 14.96
N PRO A 240 -17.59 11.61 15.75
CA PRO A 240 -17.73 12.09 17.13
C PRO A 240 -17.95 13.59 17.20
N THR A 241 -18.61 14.01 18.28
CA THR A 241 -18.82 15.41 18.60
C THR A 241 -18.35 15.66 20.02
N LEU A 242 -18.26 16.93 20.37
CA LEU A 242 -17.80 17.31 21.70
C LEU A 242 -18.86 16.97 22.74
N LEU A 243 -18.39 16.52 23.91
CA LEU A 243 -19.28 15.97 24.93
C LEU A 243 -20.25 17.03 25.46
N THR A 244 -19.74 18.23 25.74
CA THR A 244 -20.54 19.32 26.31
C THR A 244 -20.52 20.46 25.29
N PRO A 245 -21.39 20.40 24.28
CA PRO A 245 -21.24 21.32 23.14
C PRO A 245 -21.35 22.79 23.51
N SER A 246 -22.15 23.14 24.52
CA SER A 246 -22.33 24.55 24.86
C SER A 246 -21.03 25.21 25.30
N LYS A 247 -20.07 24.43 25.80
CA LYS A 247 -18.81 25.02 26.26
C LYS A 247 -17.95 25.53 25.13
N TRP A 248 -18.26 25.17 23.89
CA TRP A 248 -17.38 25.41 22.76
C TRP A 248 -18.10 26.27 21.73
N SER A 249 -17.33 27.10 21.04
CA SER A 249 -17.92 28.03 20.10
C SER A 249 -18.57 27.30 18.93
N VAL A 250 -19.50 27.98 18.27
N VAL A 250 -19.52 27.98 18.31
CA VAL A 250 -20.09 27.40 17.06
CA VAL A 250 -20.09 27.50 17.05
C VAL A 250 -19.02 27.23 15.98
C VAL A 250 -18.99 27.19 16.05
N GLU A 251 -17.95 28.04 16.02
CA GLU A 251 -16.88 27.87 15.05
C GLU A 251 -16.09 26.60 15.29
N PHE A 252 -15.78 26.30 16.56
CA PHE A 252 -15.07 25.06 16.88
C PHE A 252 -15.91 23.85 16.49
N ARG A 253 -17.18 23.83 16.91
N ARG A 253 -17.18 23.83 16.90
CA ARG A 253 -18.03 22.69 16.59
CA ARG A 253 -18.05 22.69 16.60
C ARG A 253 -18.18 22.51 15.08
C ARG A 253 -18.22 22.52 15.10
N ASP A 254 -18.30 23.63 14.36
CA ASP A 254 -18.41 23.55 12.90
C ASP A 254 -17.11 23.06 12.27
N PHE A 255 -15.97 23.57 12.73
CA PHE A 255 -14.68 23.10 12.23
C PHE A 255 -14.59 21.58 12.37
N LEU A 256 -14.96 21.07 13.54
CA LEU A 256 -14.91 19.63 13.77
C LEU A 256 -15.86 18.87 12.86
N ALA A 257 -17.09 19.39 12.71
CA ALA A 257 -18.06 18.72 11.87
C ALA A 257 -17.58 18.63 10.42
N ILE A 258 -16.83 19.64 9.97
CA ILE A 258 -16.31 19.65 8.62
C ILE A 258 -15.12 18.71 8.49
N ALA A 259 -14.22 18.71 9.47
CA ALA A 259 -13.02 17.88 9.39
C ALA A 259 -13.36 16.40 9.62
N LEU A 260 -14.30 16.12 10.50
CA LEU A 260 -14.64 14.74 10.85
C LEU A 260 -15.76 14.23 9.92
N ASP A 261 -15.46 14.31 8.65
CA ASP A 261 -16.31 13.78 7.58
C ASP A 261 -15.80 12.37 7.27
N LYS A 262 -16.66 11.37 7.40
CA LYS A 262 -16.24 10.01 7.18
C LYS A 262 -15.82 9.77 5.73
N ASN A 263 -16.30 10.59 4.80
CA ASN A 263 -15.96 10.45 3.38
C ASN A 263 -14.72 11.27 3.09
N PRO A 264 -13.56 10.66 2.81
CA PRO A 264 -12.37 11.49 2.55
C PRO A 264 -12.53 12.43 1.38
N GLU A 265 -13.38 12.09 0.40
CA GLU A 265 -13.48 12.91 -0.80
C GLU A 265 -14.24 14.22 -0.55
N THR A 266 -15.12 14.27 0.45
CA THR A 266 -15.76 15.53 0.81
C THR A 266 -15.11 16.19 2.03
N ARG A 267 -14.17 15.52 2.66
CA ARG A 267 -13.40 16.11 3.74
C ARG A 267 -12.46 17.17 3.18
N PRO A 268 -12.31 18.32 3.84
CA PRO A 268 -11.44 19.37 3.29
C PRO A 268 -9.97 19.09 3.52
N SER A 269 -9.15 19.79 2.76
CA SER A 269 -7.70 19.77 2.92
C SER A 269 -7.27 20.74 4.02
N ALA A 270 -6.00 20.65 4.41
CA ALA A 270 -5.48 21.56 5.42
C ALA A 270 -5.51 23.01 4.92
N ALA A 271 -5.15 23.23 3.66
CA ALA A 271 -5.22 24.57 3.09
C ALA A 271 -6.64 25.12 3.17
N GLN A 272 -7.63 24.28 2.86
CA GLN A 272 -9.01 24.73 2.91
C GLN A 272 -9.43 25.06 4.34
N LEU A 273 -9.00 24.25 5.32
CA LEU A 273 -9.36 24.49 6.71
C LEU A 273 -8.68 25.73 7.28
N LEU A 274 -7.54 26.12 6.73
CA LEU A 274 -6.89 27.34 7.19
C LEU A 274 -7.73 28.58 6.91
N GLU A 275 -8.72 28.48 6.02
CA GLU A 275 -9.66 29.57 5.76
C GLU A 275 -10.83 29.60 6.73
N HIS A 276 -10.95 28.61 7.60
CA HIS A 276 -12.10 28.53 8.48
C HIS A 276 -11.95 29.53 9.63
N PRO A 277 -13.03 30.19 10.06
CA PRO A 277 -12.91 31.23 11.10
C PRO A 277 -12.43 30.72 12.45
N PHE A 278 -12.43 29.41 12.69
CA PHE A 278 -11.87 28.89 13.95
C PHE A 278 -10.39 29.20 14.06
N VAL A 279 -9.69 29.30 12.94
CA VAL A 279 -8.25 29.53 12.95
C VAL A 279 -7.81 30.73 12.11
N SER A 280 -8.66 31.27 11.23
CA SER A 280 -8.18 32.21 10.22
C SER A 280 -7.74 33.55 10.80
N SER A 281 -8.19 33.91 12.00
CA SER A 281 -7.81 35.18 12.61
C SER A 281 -6.85 35.00 13.78
N ILE A 282 -6.27 33.83 13.94
CA ILE A 282 -5.28 33.59 14.99
C ILE A 282 -3.96 34.22 14.55
N THR A 283 -3.44 35.12 15.37
CA THR A 283 -2.21 35.84 15.04
C THR A 283 -1.15 35.77 16.13
N SER A 284 -1.45 35.21 17.29
CA SER A 284 -0.52 35.16 18.40
C SER A 284 -0.57 33.78 19.05
N ASN A 285 0.58 33.30 19.48
CA ASN A 285 0.66 32.03 20.21
C ASN A 285 0.62 32.22 21.73
N LYS A 286 0.22 33.41 22.20
CA LYS A 286 0.29 33.70 23.64
C LYS A 286 -0.43 32.66 24.48
N ALA A 287 -1.60 32.20 24.05
CA ALA A 287 -2.34 31.24 24.85
C ALA A 287 -1.53 29.99 25.13
N LEU A 288 -0.74 29.55 24.13
N LEU A 288 -0.76 29.52 24.13
CA LEU A 288 0.06 28.34 24.29
CA LEU A 288 0.05 28.33 24.34
C LEU A 288 1.35 28.60 25.05
C LEU A 288 1.30 28.64 25.14
N ARG A 289 1.90 29.80 24.94
CA ARG A 289 3.04 30.17 25.79
C ARG A 289 2.63 30.12 27.25
N GLU A 290 1.44 30.62 27.57
CA GLU A 290 0.94 30.59 28.94
C GLU A 290 0.71 29.16 29.42
N LEU A 291 0.15 28.31 28.55
CA LEU A 291 -0.10 26.92 28.91
C LEU A 291 1.19 26.20 29.27
N VAL A 292 2.23 26.38 28.46
CA VAL A 292 3.52 25.73 28.72
C VAL A 292 4.07 26.18 30.07
N ALA A 293 4.00 27.48 30.37
CA ALA A 293 4.49 27.96 31.65
C ALA A 293 3.69 27.38 32.80
N GLU A 294 2.37 27.30 32.65
CA GLU A 294 1.54 26.72 33.70
C GLU A 294 1.86 25.24 33.91
N ALA A 295 2.09 24.49 32.84
CA ALA A 295 2.40 23.07 32.98
C ALA A 295 3.74 22.88 33.68
N LYS A 296 4.75 23.65 33.28
CA LYS A 296 6.05 23.53 33.94
C LYS A 296 5.95 23.87 35.42
N ALA A 297 5.14 24.88 35.77
CA ALA A 297 4.99 25.24 37.17
C ALA A 297 4.29 24.14 37.96
N GLU A 298 3.38 23.40 37.33
N GLU A 298 3.37 23.40 37.33
CA GLU A 298 2.73 22.28 38.00
CA GLU A 298 2.74 22.27 38.02
C GLU A 298 3.71 21.12 38.20
C GLU A 298 3.73 21.12 38.21
N VAL A 299 4.57 20.86 37.21
CA VAL A 299 5.56 19.79 37.34
C VAL A 299 6.42 20.03 38.56
N MET A 300 6.73 21.30 38.84
CA MET A 300 7.54 21.63 40.02
C MET A 300 6.88 21.20 41.31
N GLU A 301 5.56 21.05 41.33
CA GLU A 301 4.86 20.63 42.54
C GLU A 301 4.86 19.12 42.72
N GLU A 302 5.17 18.36 41.68
CA GLU A 302 4.98 16.92 41.69
C GLU A 302 6.10 16.17 42.39
N TYR B 8 20.66 -13.45 -3.89
CA TYR B 8 21.09 -14.01 -5.16
C TYR B 8 21.31 -15.52 -5.04
N GLU B 9 20.41 -16.17 -4.30
CA GLU B 9 20.52 -17.61 -4.08
C GLU B 9 20.14 -18.42 -5.32
N HIS B 10 19.15 -17.95 -6.07
CA HIS B 10 18.69 -18.63 -7.28
C HIS B 10 19.14 -17.90 -8.55
N VAL B 11 20.28 -17.23 -8.49
CA VAL B 11 20.83 -16.50 -9.63
C VAL B 11 22.27 -16.93 -9.82
N ARG B 12 22.57 -17.49 -10.98
CA ARG B 12 23.93 -17.92 -11.29
C ARG B 12 24.72 -16.74 -11.83
N ARG B 13 25.84 -16.44 -11.19
CA ARG B 13 26.75 -15.40 -11.65
C ARG B 13 27.94 -15.97 -12.42
N ASP B 14 28.07 -17.29 -12.48
CA ASP B 14 29.24 -17.94 -13.05
C ASP B 14 28.97 -18.60 -14.40
N LEU B 15 27.72 -18.63 -14.85
CA LEU B 15 27.35 -19.26 -16.11
C LEU B 15 26.95 -18.18 -17.12
N ASP B 16 27.46 -18.30 -18.34
CA ASP B 16 27.11 -17.36 -19.41
C ASP B 16 25.84 -17.87 -20.07
N PRO B 17 24.71 -17.17 -19.96
CA PRO B 17 23.48 -17.69 -20.59
C PRO B 17 23.58 -17.83 -22.10
N ASN B 18 24.44 -17.04 -22.74
CA ASN B 18 24.59 -17.12 -24.19
C ASN B 18 25.23 -18.44 -24.61
N GLU B 19 25.88 -19.16 -23.70
CA GLU B 19 26.38 -20.49 -24.01
C GLU B 19 25.23 -21.47 -24.24
N VAL B 20 24.09 -21.23 -23.60
CA VAL B 20 22.96 -22.15 -23.64
C VAL B 20 21.88 -21.66 -24.58
N TRP B 21 21.66 -20.36 -24.66
CA TRP B 21 20.45 -19.81 -25.26
C TRP B 21 20.80 -18.86 -26.41
N GLU B 22 20.11 -19.04 -27.53
CA GLU B 22 20.16 -18.13 -28.67
C GLU B 22 18.86 -17.34 -28.71
N ILE B 23 18.96 -16.02 -28.81
CA ILE B 23 17.78 -15.18 -28.97
C ILE B 23 17.33 -15.28 -30.42
N VAL B 24 16.07 -15.68 -30.62
CA VAL B 24 15.53 -15.89 -31.96
C VAL B 24 14.37 -14.97 -32.28
N GLY B 25 13.94 -14.14 -31.34
CA GLY B 25 12.85 -13.21 -31.59
C GLY B 25 12.39 -12.59 -30.30
N GLU B 26 11.28 -11.85 -30.39
CA GLU B 26 10.66 -11.20 -29.26
C GLU B 26 9.23 -11.73 -29.10
N LEU B 27 8.80 -11.87 -27.85
CA LEU B 27 7.49 -12.43 -27.53
C LEU B 27 6.55 -11.32 -27.09
N GLY B 28 5.29 -11.44 -27.47
CA GLY B 28 4.30 -10.43 -27.14
C GLY B 28 4.55 -9.16 -27.94
N ASP B 29 3.97 -8.07 -27.45
CA ASP B 29 4.18 -6.75 -28.04
C ASP B 29 5.09 -5.86 -27.20
N GLY B 30 5.63 -6.37 -26.10
CA GLY B 30 6.63 -5.64 -25.33
C GLY B 30 6.11 -4.45 -24.57
N ALA B 31 4.82 -4.42 -24.25
CA ALA B 31 4.24 -3.26 -23.58
C ALA B 31 4.81 -3.08 -22.17
N PHE B 32 5.17 -4.17 -21.50
CA PHE B 32 5.68 -4.12 -20.14
C PHE B 32 7.18 -4.37 -20.07
N GLY B 33 7.88 -4.37 -21.20
CA GLY B 33 9.28 -4.69 -21.24
C GLY B 33 9.59 -5.78 -22.24
N LYS B 34 10.86 -5.89 -22.61
CA LYS B 34 11.28 -6.86 -23.62
C LYS B 34 11.33 -8.26 -23.02
N VAL B 35 10.60 -9.19 -23.63
CA VAL B 35 10.72 -10.61 -23.36
C VAL B 35 11.12 -11.27 -24.68
N TYR B 36 12.21 -12.01 -24.66
CA TYR B 36 12.76 -12.58 -25.88
C TYR B 36 12.38 -14.05 -25.99
N LYS B 37 12.23 -14.50 -27.23
CA LYS B 37 12.14 -15.93 -27.51
C LYS B 37 13.55 -16.48 -27.64
N ALA B 38 13.85 -17.52 -26.86
CA ALA B 38 15.18 -18.10 -26.82
C ALA B 38 15.10 -19.55 -27.25
N LYS B 39 16.12 -20.00 -27.97
CA LYS B 39 16.22 -21.37 -28.46
C LYS B 39 17.45 -22.01 -27.86
N ASN B 40 17.28 -23.18 -27.27
CA ASN B 40 18.40 -23.89 -26.67
C ASN B 40 19.35 -24.33 -27.77
N LYS B 41 20.62 -23.93 -27.66
CA LYS B 41 21.58 -24.17 -28.73
C LYS B 41 21.89 -25.65 -28.93
N GLU B 42 21.65 -26.48 -27.91
CA GLU B 42 21.85 -27.92 -28.06
C GLU B 42 20.58 -28.60 -28.56
N THR B 43 19.47 -28.41 -27.84
CA THR B 43 18.28 -29.23 -28.00
C THR B 43 17.24 -28.62 -28.92
N GLY B 44 17.25 -27.31 -29.11
CA GLY B 44 16.17 -26.64 -29.80
C GLY B 44 14.97 -26.32 -28.93
N ALA B 45 15.00 -26.67 -27.65
CA ALA B 45 13.90 -26.34 -26.75
C ALA B 45 13.74 -24.82 -26.67
N LEU B 46 12.51 -24.39 -26.41
CA LEU B 46 12.18 -22.98 -26.44
C LEU B 46 11.93 -22.47 -25.02
N ALA B 47 12.34 -21.23 -24.79
CA ALA B 47 12.12 -20.56 -23.52
C ALA B 47 11.82 -19.09 -23.80
N ALA B 48 11.17 -18.46 -22.84
CA ALA B 48 11.12 -17.01 -22.79
C ALA B 48 12.28 -16.52 -21.93
N ALA B 49 12.92 -15.46 -22.39
CA ALA B 49 14.02 -14.85 -21.66
C ALA B 49 13.62 -13.42 -21.33
N LYS B 50 13.35 -13.18 -20.06
CA LYS B 50 13.11 -11.82 -19.58
C LYS B 50 14.46 -11.28 -19.15
N VAL B 51 14.97 -10.29 -19.87
CA VAL B 51 16.31 -9.78 -19.68
C VAL B 51 16.20 -8.34 -19.20
N ILE B 52 16.90 -8.03 -18.10
CA ILE B 52 16.79 -6.76 -17.42
C ILE B 52 18.19 -6.19 -17.23
N GLU B 53 18.41 -4.98 -17.74
CA GLU B 53 19.67 -4.28 -17.51
C GLU B 53 19.56 -3.50 -16.21
N THR B 54 20.45 -3.80 -15.26
CA THR B 54 20.41 -3.20 -13.93
C THR B 54 21.69 -2.40 -13.66
N LYS B 55 22.82 -3.05 -13.48
CA LYS B 55 24.14 -2.46 -13.23
C LYS B 55 24.38 -2.17 -11.76
N SER B 56 23.41 -2.39 -10.87
CA SER B 56 23.60 -2.13 -9.45
C SER B 56 23.04 -3.29 -8.65
N GLU B 57 23.79 -3.71 -7.62
CA GLU B 57 23.34 -4.82 -6.78
C GLU B 57 22.04 -4.48 -6.05
N GLU B 58 21.79 -3.19 -5.81
CA GLU B 58 20.56 -2.78 -5.14
C GLU B 58 19.35 -3.06 -6.02
N GLU B 59 19.33 -2.50 -7.22
CA GLU B 59 18.21 -2.74 -8.14
C GLU B 59 18.08 -4.22 -8.48
N LEU B 60 19.21 -4.92 -8.58
CA LEU B 60 19.16 -6.36 -8.80
C LEU B 60 18.33 -7.04 -7.73
N GLU B 61 18.43 -6.57 -6.48
CA GLU B 61 17.68 -7.16 -5.39
C GLU B 61 16.18 -7.07 -5.64
N ASP B 62 15.71 -5.93 -6.16
CA ASP B 62 14.28 -5.75 -6.39
C ASP B 62 13.78 -6.68 -7.49
N TYR B 63 14.49 -6.73 -8.63
CA TYR B 63 14.07 -7.61 -9.70
C TYR B 63 14.11 -9.07 -9.28
N ILE B 64 15.05 -9.44 -8.40
CA ILE B 64 15.19 -10.82 -7.99
C ILE B 64 13.96 -11.29 -7.21
N VAL B 65 13.14 -10.37 -6.69
CA VAL B 65 11.90 -10.78 -6.04
C VAL B 65 11.04 -11.61 -6.99
N GLU B 66 11.04 -11.26 -8.28
CA GLU B 66 10.28 -12.07 -9.24
C GLU B 66 10.80 -13.49 -9.26
N ILE B 67 12.11 -13.68 -9.19
CA ILE B 67 12.71 -15.00 -9.15
C ILE B 67 12.30 -15.74 -7.89
N GLU B 68 12.32 -15.04 -6.74
CA GLU B 68 11.88 -15.65 -5.49
C GLU B 68 10.47 -16.20 -5.63
N ILE B 69 9.56 -15.38 -6.16
CA ILE B 69 8.16 -15.80 -6.30
C ILE B 69 8.07 -16.99 -7.23
N LEU B 70 8.70 -16.91 -8.40
CA LEU B 70 8.57 -17.99 -9.37
C LEU B 70 9.18 -19.28 -8.85
N ALA B 71 10.28 -19.18 -8.09
CA ALA B 71 10.94 -20.38 -7.60
C ALA B 71 10.05 -21.15 -6.62
N THR B 72 9.29 -20.43 -5.80
N THR B 72 9.31 -20.45 -5.75
CA THR B 72 8.42 -21.08 -4.84
CA THR B 72 8.42 -21.16 -4.83
C THR B 72 7.09 -21.49 -5.44
C THR B 72 7.12 -21.60 -5.52
N CYS B 73 6.69 -20.88 -6.55
CA CYS B 73 5.41 -21.18 -7.18
C CYS B 73 5.57 -22.32 -8.19
N ASP B 74 5.96 -23.47 -7.64
CA ASP B 74 6.06 -24.72 -8.39
C ASP B 74 4.70 -25.40 -8.28
N HIS B 75 3.87 -25.20 -9.30
CA HIS B 75 2.54 -25.77 -9.37
C HIS B 75 2.26 -26.03 -10.84
N PRO B 76 1.49 -27.07 -11.17
CA PRO B 76 1.28 -27.38 -12.59
C PRO B 76 0.76 -26.23 -13.45
N TYR B 77 0.03 -25.27 -12.88
CA TYR B 77 -0.65 -24.25 -13.66
C TYR B 77 -0.04 -22.86 -13.48
N ILE B 78 1.20 -22.77 -13.04
CA ILE B 78 1.96 -21.53 -12.97
C ILE B 78 3.14 -21.66 -13.92
N VAL B 79 3.49 -20.56 -14.61
CA VAL B 79 4.66 -20.55 -15.48
C VAL B 79 5.85 -21.14 -14.74
N LYS B 80 6.73 -21.84 -15.47
CA LYS B 80 7.79 -22.64 -14.90
C LYS B 80 9.13 -21.93 -15.06
N LEU B 81 9.73 -21.53 -13.94
CA LEU B 81 11.07 -20.98 -13.96
C LEU B 81 12.08 -22.06 -14.33
N LEU B 82 12.89 -21.81 -15.36
CA LEU B 82 13.95 -22.72 -15.74
C LEU B 82 15.28 -22.37 -15.10
N GLY B 83 15.49 -21.10 -14.80
CA GLY B 83 16.72 -20.67 -14.18
C GLY B 83 16.88 -19.17 -14.33
N ALA B 84 17.94 -18.66 -13.71
CA ALA B 84 18.22 -17.24 -13.75
C ALA B 84 19.72 -17.04 -13.75
N TYR B 85 20.17 -16.02 -14.47
CA TYR B 85 21.57 -15.69 -14.59
C TYR B 85 21.75 -14.19 -14.38
N TYR B 86 22.89 -13.82 -13.83
CA TYR B 86 23.33 -12.43 -13.86
C TYR B 86 24.69 -12.41 -14.52
N HIS B 87 24.76 -11.81 -15.71
CA HIS B 87 25.95 -11.89 -16.54
C HIS B 87 26.06 -10.60 -17.34
N ASP B 88 27.25 -10.00 -17.33
CA ASP B 88 27.53 -8.82 -18.14
C ASP B 88 26.52 -7.71 -17.87
N GLY B 89 26.12 -7.56 -16.61
CA GLY B 89 25.22 -6.50 -16.22
C GLY B 89 23.78 -6.70 -16.63
N LYS B 90 23.35 -7.94 -16.86
CA LYS B 90 21.99 -8.23 -17.25
C LYS B 90 21.47 -9.39 -16.43
N LEU B 91 20.25 -9.24 -15.90
CA LEU B 91 19.56 -10.33 -15.23
C LEU B 91 18.71 -11.05 -16.26
N TRP B 92 18.94 -12.35 -16.42
CA TRP B 92 18.17 -13.20 -17.32
C TRP B 92 17.25 -14.05 -16.45
N ILE B 93 15.94 -13.97 -16.70
CA ILE B 93 14.96 -14.85 -16.07
C ILE B 93 14.41 -15.74 -17.18
N MET B 94 14.69 -17.04 -17.08
CA MET B 94 14.32 -17.99 -18.11
C MET B 94 13.05 -18.73 -17.69
N ILE B 95 12.04 -18.73 -18.55
N ILE B 95 12.04 -18.69 -18.54
CA ILE B 95 10.76 -19.35 -18.26
CA ILE B 95 10.75 -19.34 -18.30
C ILE B 95 10.38 -20.27 -19.41
C ILE B 95 10.50 -20.34 -19.41
N GLU B 96 9.84 -21.44 -19.07
CA GLU B 96 9.48 -22.41 -20.09
C GLU B 96 8.50 -21.80 -21.08
N PHE B 97 8.82 -21.94 -22.36
CA PHE B 97 7.95 -21.46 -23.42
C PHE B 97 6.63 -22.23 -23.41
N CYS B 98 5.55 -21.49 -23.66
CA CYS B 98 4.17 -21.99 -23.64
C CYS B 98 3.69 -21.97 -25.07
N PRO B 99 3.76 -23.09 -25.80
CA PRO B 99 3.58 -23.05 -27.26
C PRO B 99 2.14 -22.83 -27.71
N GLY B 100 1.15 -22.86 -26.81
CA GLY B 100 -0.21 -22.51 -27.20
C GLY B 100 -0.49 -21.03 -27.22
N GLY B 101 0.39 -20.21 -26.66
CA GLY B 101 0.19 -18.77 -26.62
C GLY B 101 -0.76 -18.36 -25.51
N ALA B 102 -1.05 -17.07 -25.48
CA ALA B 102 -1.94 -16.52 -24.46
C ALA B 102 -3.38 -16.56 -24.95
N VAL B 103 -4.31 -16.66 -24.00
CA VAL B 103 -5.72 -16.81 -24.38
C VAL B 103 -6.22 -15.58 -25.15
N ASP B 104 -5.79 -14.38 -24.77
CA ASP B 104 -6.22 -13.22 -25.53
C ASP B 104 -5.72 -13.28 -26.97
N ALA B 105 -4.49 -13.75 -27.19
CA ALA B 105 -3.98 -13.89 -28.55
C ALA B 105 -4.75 -14.95 -29.32
N ILE B 106 -5.18 -16.02 -28.65
CA ILE B 106 -5.95 -17.06 -29.32
C ILE B 106 -7.29 -16.51 -29.79
N MET B 107 -7.96 -15.72 -28.95
CA MET B 107 -9.25 -15.15 -29.34
C MET B 107 -9.08 -14.21 -30.53
N LEU B 108 -7.97 -13.46 -30.57
CA LEU B 108 -7.70 -12.61 -31.72
C LEU B 108 -7.44 -13.44 -32.97
N GLU B 109 -6.60 -14.48 -32.83
CA GLU B 109 -6.23 -15.30 -33.97
C GLU B 109 -7.44 -16.00 -34.58
N LEU B 110 -8.35 -16.49 -33.74
CA LEU B 110 -9.52 -17.21 -34.19
C LEU B 110 -10.74 -16.31 -34.36
N ASP B 111 -10.63 -15.04 -33.98
CA ASP B 111 -11.71 -14.07 -34.14
C ASP B 111 -13.00 -14.54 -33.46
N ARG B 112 -12.85 -15.05 -32.24
CA ARG B 112 -14.02 -15.48 -31.47
C ARG B 112 -13.62 -15.69 -30.01
N GLY B 113 -14.64 -15.73 -29.16
CA GLY B 113 -14.45 -16.08 -27.77
C GLY B 113 -14.40 -17.59 -27.56
N LEU B 114 -14.20 -17.98 -26.32
CA LEU B 114 -14.14 -19.40 -25.97
C LEU B 114 -15.54 -19.96 -25.81
N THR B 115 -15.68 -21.26 -26.09
CA THR B 115 -16.89 -21.98 -25.77
C THR B 115 -16.96 -22.22 -24.26
N GLU B 116 -18.16 -22.55 -23.77
CA GLU B 116 -18.27 -22.80 -22.34
C GLU B 116 -17.40 -23.95 -21.87
N PRO B 117 -17.33 -25.11 -22.55
CA PRO B 117 -16.40 -26.15 -22.08
C PRO B 117 -14.95 -25.69 -22.03
N GLN B 118 -14.53 -24.85 -22.98
CA GLN B 118 -13.19 -24.29 -22.93
C GLN B 118 -13.03 -23.40 -21.70
N ILE B 119 -14.02 -22.54 -21.43
CA ILE B 119 -13.96 -21.68 -20.26
C ILE B 119 -13.92 -22.51 -18.99
N GLN B 120 -14.65 -23.62 -18.96
CA GLN B 120 -14.69 -24.44 -17.76
C GLN B 120 -13.31 -24.99 -17.40
N VAL B 121 -12.53 -25.39 -18.42
CA VAL B 121 -11.17 -25.86 -18.15
C VAL B 121 -10.32 -24.72 -17.61
N VAL B 122 -10.34 -23.58 -18.29
CA VAL B 122 -9.57 -22.43 -17.81
C VAL B 122 -9.95 -22.10 -16.37
N CYS B 123 -11.25 -22.06 -16.09
CA CYS B 123 -11.71 -21.67 -14.77
C CYS B 123 -11.25 -22.68 -13.72
N ARG B 124 -11.41 -23.97 -14.00
CA ARG B 124 -10.98 -24.98 -13.05
C ARG B 124 -9.49 -24.83 -12.75
N GLN B 125 -8.67 -24.69 -13.79
CA GLN B 125 -7.23 -24.64 -13.59
C GLN B 125 -6.80 -23.33 -12.94
N MET B 126 -7.47 -22.22 -13.29
CA MET B 126 -7.16 -20.96 -12.63
C MET B 126 -7.48 -21.03 -11.14
N LEU B 127 -8.58 -21.68 -10.78
CA LEU B 127 -8.92 -21.86 -9.38
C LEU B 127 -7.87 -22.71 -8.66
N GLU B 128 -7.40 -23.78 -9.30
CA GLU B 128 -6.34 -24.58 -8.70
C GLU B 128 -5.10 -23.74 -8.45
N ALA B 129 -4.71 -22.91 -9.44
CA ALA B 129 -3.56 -22.05 -9.30
C ALA B 129 -3.75 -21.02 -8.19
N LEU B 130 -4.94 -20.41 -8.13
CA LEU B 130 -5.18 -19.40 -7.10
C LEU B 130 -5.23 -20.02 -5.71
N ASN B 131 -5.87 -21.19 -5.56
CA ASN B 131 -5.84 -21.87 -4.28
C ASN B 131 -4.40 -22.12 -3.84
N PHE B 132 -3.55 -22.52 -4.79
CA PHE B 132 -2.13 -22.72 -4.50
C PHE B 132 -1.47 -21.41 -4.05
N LEU B 133 -1.62 -20.35 -4.84
CA LEU B 133 -0.96 -19.09 -4.51
C LEU B 133 -1.43 -18.57 -3.16
N HIS B 134 -2.74 -18.52 -2.96
CA HIS B 134 -3.29 -17.97 -1.73
C HIS B 134 -2.86 -18.80 -0.52
N SER B 135 -2.73 -20.11 -0.68
N SER B 135 -2.72 -20.11 -0.68
CA SER B 135 -2.25 -20.95 0.41
CA SER B 135 -2.26 -20.94 0.43
C SER B 135 -0.86 -20.53 0.86
C SER B 135 -0.82 -20.62 0.81
N LYS B 136 -0.08 -19.94 -0.05
CA LYS B 136 1.26 -19.44 0.25
C LYS B 136 1.26 -17.96 0.57
N ARG B 137 0.08 -17.36 0.73
CA ARG B 137 -0.10 -15.94 1.01
C ARG B 137 0.33 -15.06 -0.15
N ILE B 138 0.43 -15.62 -1.35
CA ILE B 138 0.76 -14.87 -2.56
C ILE B 138 -0.53 -14.49 -3.24
N ILE B 139 -0.64 -13.22 -3.66
CA ILE B 139 -1.75 -12.76 -4.46
C ILE B 139 -1.24 -12.39 -5.84
N HIS B 140 -2.15 -12.43 -6.82
CA HIS B 140 -1.80 -12.18 -8.21
C HIS B 140 -2.11 -10.73 -8.61
N ARG B 141 -3.36 -10.33 -8.46
CA ARG B 141 -3.81 -8.95 -8.57
C ARG B 141 -3.83 -8.39 -9.98
N ASP B 142 -3.64 -9.21 -11.00
CA ASP B 142 -3.75 -8.74 -12.38
C ASP B 142 -4.25 -9.85 -13.28
N LEU B 143 -5.23 -10.63 -12.80
CA LEU B 143 -5.76 -11.71 -13.61
C LEU B 143 -6.52 -11.15 -14.82
N LYS B 144 -6.28 -11.76 -15.97
CA LYS B 144 -6.87 -11.38 -17.24
C LYS B 144 -6.41 -12.42 -18.26
N ALA B 145 -7.10 -12.48 -19.40
CA ALA B 145 -6.80 -13.52 -20.36
C ALA B 145 -5.37 -13.43 -20.89
N GLY B 146 -4.81 -12.22 -20.97
CA GLY B 146 -3.45 -12.06 -21.45
C GLY B 146 -2.39 -12.64 -20.52
N ASN B 147 -2.75 -12.95 -19.28
CA ASN B 147 -1.86 -13.62 -18.34
C ASN B 147 -2.10 -15.12 -18.28
N VAL B 148 -2.95 -15.66 -19.14
CA VAL B 148 -3.22 -17.11 -19.17
C VAL B 148 -2.53 -17.66 -20.42
N LEU B 149 -1.35 -18.24 -20.23
CA LEU B 149 -0.63 -18.89 -21.31
C LEU B 149 -1.08 -20.35 -21.40
N MET B 150 -0.82 -20.96 -22.56
N MET B 150 -0.86 -20.96 -22.57
CA MET B 150 -1.34 -22.28 -22.87
CA MET B 150 -1.36 -22.30 -22.83
C MET B 150 -0.23 -23.21 -23.36
C MET B 150 -0.23 -23.20 -23.35
N THR B 151 -0.33 -24.48 -22.99
CA THR B 151 0.50 -25.52 -23.55
C THR B 151 -0.31 -26.27 -24.61
N LEU B 152 0.39 -27.07 -25.43
CA LEU B 152 -0.29 -27.83 -26.48
C LEU B 152 -1.16 -28.94 -25.91
N GLU B 153 -0.91 -29.37 -24.68
CA GLU B 153 -1.75 -30.38 -24.05
C GLU B 153 -3.09 -29.81 -23.58
N GLY B 154 -3.28 -28.50 -23.65
CA GLY B 154 -4.51 -27.89 -23.21
C GLY B 154 -4.52 -27.44 -21.77
N ASP B 155 -3.35 -27.21 -21.17
CA ASP B 155 -3.24 -26.73 -19.80
C ASP B 155 -2.79 -25.28 -19.78
N ILE B 156 -3.24 -24.56 -18.76
CA ILE B 156 -2.82 -23.17 -18.61
C ILE B 156 -1.47 -23.11 -17.89
N ARG B 157 -0.79 -21.98 -18.08
CA ARG B 157 0.32 -21.55 -17.24
C ARG B 157 0.04 -20.10 -16.91
N LEU B 158 -0.27 -19.83 -15.64
CA LEU B 158 -0.60 -18.48 -15.21
C LEU B 158 0.67 -17.66 -15.09
N ALA B 159 0.65 -16.48 -15.70
CA ALA B 159 1.72 -15.51 -15.65
C ALA B 159 1.24 -14.24 -14.96
N ASP B 160 2.18 -13.36 -14.62
CA ASP B 160 1.90 -12.03 -14.06
C ASP B 160 2.89 -11.08 -14.76
N PHE B 161 2.59 -10.75 -16.02
CA PHE B 161 3.52 -10.05 -16.90
C PHE B 161 3.74 -8.61 -16.47
N GLY B 162 2.67 -7.94 -16.01
CA GLY B 162 2.60 -6.50 -15.99
C GLY B 162 2.80 -5.83 -14.66
N VAL B 163 3.09 -6.57 -13.60
CA VAL B 163 3.34 -5.94 -12.31
C VAL B 163 4.69 -5.26 -12.33
N SER B 164 4.77 -4.09 -11.72
CA SER B 164 6.04 -3.37 -11.64
C SER B 164 6.96 -4.06 -10.64
N ALA B 165 8.27 -3.94 -10.89
CA ALA B 165 9.25 -4.53 -9.99
C ALA B 165 9.08 -4.01 -8.58
N LYS B 166 8.75 -2.74 -8.42
CA LYS B 166 8.59 -2.16 -7.08
C LYS B 166 7.39 -2.74 -6.34
N ASN B 167 6.41 -3.29 -7.06
CA ASN B 167 5.22 -3.84 -6.42
C ASN B 167 5.29 -5.33 -6.18
N LEU B 168 6.36 -5.99 -6.64
CA LEU B 168 6.48 -7.44 -6.47
C LEU B 168 6.39 -7.85 -5.00
N LYS B 169 7.05 -7.10 -4.11
CA LYS B 169 7.04 -7.48 -2.70
C LYS B 169 5.63 -7.50 -2.14
N THR B 170 4.75 -6.63 -2.64
CA THR B 170 3.37 -6.63 -2.15
C THR B 170 2.65 -7.92 -2.48
N LEU B 171 3.00 -8.57 -3.60
CA LEU B 171 2.37 -9.85 -3.93
C LEU B 171 2.74 -10.91 -2.90
N GLN B 172 3.91 -10.79 -2.27
CA GLN B 172 4.34 -11.74 -1.24
C GLN B 172 3.72 -11.44 0.12
N LYS B 173 3.62 -10.17 0.49
CA LYS B 173 3.20 -9.84 1.84
C LYS B 173 2.65 -8.41 1.87
N ARG B 174 1.51 -8.23 2.52
CA ARG B 174 0.91 -6.92 2.70
C ARG B 174 1.33 -6.30 4.03
N ASP B 175 1.43 -4.97 4.05
CA ASP B 175 1.71 -4.24 5.27
C ASP B 175 0.43 -4.08 6.09
N SER B 176 0.57 -4.20 7.41
CA SER B 176 -0.56 -3.93 8.31
C SER B 176 -0.76 -2.42 8.44
N PHE B 177 -1.83 -2.05 9.14
CA PHE B 177 -2.27 -0.66 9.14
C PHE B 177 -1.25 0.26 9.82
N ILE B 178 -1.23 1.51 9.37
CA ILE B 178 -0.45 2.56 10.02
C ILE B 178 -1.40 3.45 10.80
N GLY B 179 -1.08 3.70 12.07
CA GLY B 179 -1.85 4.59 12.91
C GLY B 179 -2.06 4.04 14.30
N THR B 180 -2.64 4.86 15.17
CA THR B 180 -3.10 4.40 16.46
C THR B 180 -4.62 4.38 16.44
N PRO B 181 -5.26 3.26 16.79
CA PRO B 181 -6.69 3.10 16.47
C PRO B 181 -7.60 4.27 16.76
N TYR B 182 -7.54 4.85 17.97
CA TYR B 182 -8.54 5.85 18.34
C TYR B 182 -8.52 7.05 17.39
N TRP B 183 -7.40 7.32 16.75
CA TRP B 183 -7.23 8.50 15.91
C TRP B 183 -7.35 8.20 14.42
N MET B 184 -7.59 6.94 14.04
CA MET B 184 -7.48 6.55 12.65
C MET B 184 -8.72 6.93 11.85
N ALA B 185 -8.50 7.37 10.61
CA ALA B 185 -9.60 7.79 9.75
C ALA B 185 -10.42 6.59 9.28
N PRO B 186 -11.72 6.79 9.02
CA PRO B 186 -12.56 5.65 8.62
C PRO B 186 -12.08 4.95 7.36
N GLU B 187 -11.54 5.69 6.38
CA GLU B 187 -11.06 5.02 5.17
C GLU B 187 -9.82 4.19 5.44
N VAL B 188 -9.00 4.60 6.41
CA VAL B 188 -7.85 3.80 6.79
C VAL B 188 -8.30 2.52 7.48
N VAL B 189 -9.26 2.65 8.40
CA VAL B 189 -9.83 1.46 9.04
C VAL B 189 -10.37 0.51 7.98
N MET B 190 -11.16 1.05 7.06
CA MET B 190 -11.82 0.21 6.05
C MET B 190 -10.80 -0.47 5.15
N CYS B 191 -9.76 0.25 4.73
CA CYS B 191 -8.87 -0.21 3.68
C CYS B 191 -7.60 -0.88 4.18
N GLU B 192 -7.24 -0.73 5.45
CA GLU B 192 -5.98 -1.25 5.94
C GLU B 192 -6.09 -2.29 7.05
N THR B 193 -7.16 -2.28 7.85
CA THR B 193 -7.18 -3.17 9.01
C THR B 193 -7.39 -4.63 8.65
N MET B 194 -7.82 -4.93 7.42
CA MET B 194 -7.93 -6.31 6.97
C MET B 194 -6.76 -6.74 6.10
N LYS B 195 -5.83 -5.83 5.81
CA LYS B 195 -4.63 -6.21 5.09
C LYS B 195 -3.79 -7.16 5.95
N ASP B 196 -2.99 -7.97 5.28
CA ASP B 196 -2.20 -9.01 5.94
C ASP B 196 -3.09 -10.08 6.55
N THR B 197 -4.28 -10.29 5.95
CA THR B 197 -5.16 -11.40 6.29
C THR B 197 -5.71 -11.97 4.99
N PRO B 198 -6.40 -13.11 5.03
CA PRO B 198 -6.95 -13.69 3.78
C PRO B 198 -7.93 -12.78 3.05
N TYR B 199 -8.37 -11.69 3.67
CA TYR B 199 -9.12 -10.67 2.93
C TYR B 199 -8.39 -10.27 1.66
N ASP B 200 -7.05 -10.23 1.71
CA ASP B 200 -6.26 -9.82 0.55
C ASP B 200 -6.47 -10.75 -0.64
N TYR B 201 -6.87 -11.99 -0.41
CA TYR B 201 -6.99 -12.95 -1.49
C TYR B 201 -8.28 -12.79 -2.29
N LYS B 202 -9.26 -12.05 -1.78
N LYS B 202 -9.26 -12.05 -1.78
CA LYS B 202 -10.58 -12.03 -2.40
CA LYS B 202 -10.58 -12.04 -2.41
C LYS B 202 -10.58 -11.27 -3.72
C LYS B 202 -10.59 -11.25 -3.72
N ALA B 203 -9.71 -10.27 -3.86
CA ALA B 203 -9.69 -9.47 -5.09
C ALA B 203 -9.51 -10.35 -6.31
N ASP B 204 -8.62 -11.35 -6.22
CA ASP B 204 -8.37 -12.25 -7.34
C ASP B 204 -9.61 -13.02 -7.76
N ILE B 205 -10.50 -13.34 -6.81
CA ILE B 205 -11.71 -14.07 -7.14
C ILE B 205 -12.60 -13.23 -8.05
N TRP B 206 -12.74 -11.94 -7.74
CA TRP B 206 -13.49 -11.05 -8.61
C TRP B 206 -12.85 -10.98 -9.99
N SER B 207 -11.53 -10.77 -10.03
CA SER B 207 -10.83 -10.66 -11.32
C SER B 207 -10.97 -11.94 -12.12
N LEU B 208 -11.00 -13.10 -11.46
CA LEU B 208 -11.27 -14.34 -12.17
C LEU B 208 -12.62 -14.29 -12.86
N GLY B 209 -13.65 -13.84 -12.14
CA GLY B 209 -14.97 -13.71 -12.76
C GLY B 209 -14.94 -12.82 -13.97
N ILE B 210 -14.26 -11.68 -13.89
CA ILE B 210 -14.17 -10.78 -15.04
C ILE B 210 -13.46 -11.47 -16.18
N THR B 211 -12.41 -12.22 -15.88
CA THR B 211 -11.67 -12.95 -16.90
C THR B 211 -12.58 -13.95 -17.62
N LEU B 212 -13.48 -14.60 -16.89
CA LEU B 212 -14.41 -15.52 -17.55
C LEU B 212 -15.32 -14.78 -18.52
N ILE B 213 -15.81 -13.60 -18.15
CA ILE B 213 -16.62 -12.82 -19.08
C ILE B 213 -15.78 -12.41 -20.28
N GLU B 214 -14.54 -11.98 -20.03
CA GLU B 214 -13.62 -11.62 -21.10
C GLU B 214 -13.45 -12.78 -22.08
N MET B 215 -13.34 -14.01 -21.58
CA MET B 215 -13.14 -15.13 -22.48
C MET B 215 -14.42 -15.49 -23.22
N ALA B 216 -15.57 -15.27 -22.60
CA ALA B 216 -16.84 -15.54 -23.26
C ALA B 216 -17.17 -14.48 -24.31
N GLN B 217 -16.71 -13.25 -24.11
CA GLN B 217 -17.16 -12.12 -24.91
C GLN B 217 -16.00 -11.37 -25.56
N ILE B 218 -14.78 -11.89 -25.44
CA ILE B 218 -13.56 -11.32 -26.01
C ILE B 218 -13.07 -10.13 -25.19
N GLU B 219 -13.98 -9.23 -24.81
CA GLU B 219 -13.60 -8.04 -24.07
C GLU B 219 -14.23 -8.06 -22.67
N PRO B 220 -13.60 -7.42 -21.69
CA PRO B 220 -14.17 -7.34 -20.36
C PRO B 220 -15.35 -6.38 -20.33
N PRO B 221 -16.14 -6.40 -19.26
CA PRO B 221 -17.22 -5.42 -19.12
C PRO B 221 -16.69 -4.00 -19.14
N HIS B 222 -17.53 -3.08 -19.62
CA HIS B 222 -17.22 -1.65 -19.66
C HIS B 222 -16.03 -1.35 -20.57
N HIS B 223 -15.73 -2.24 -21.51
CA HIS B 223 -14.51 -2.09 -22.31
C HIS B 223 -14.53 -0.83 -23.17
N GLU B 224 -15.70 -0.24 -23.41
CA GLU B 224 -15.79 0.95 -24.24
C GLU B 224 -15.19 2.18 -23.56
N LEU B 225 -15.08 2.17 -22.23
CA LEU B 225 -14.62 3.32 -21.48
C LEU B 225 -13.10 3.33 -21.41
N ASN B 226 -12.54 4.52 -21.20
CA ASN B 226 -11.10 4.62 -21.00
C ASN B 226 -10.73 4.07 -19.63
N PRO B 227 -9.44 3.79 -19.39
CA PRO B 227 -9.06 3.08 -18.16
C PRO B 227 -9.31 3.85 -16.88
N MET B 228 -9.40 5.18 -16.93
CA MET B 228 -9.76 5.93 -15.73
C MET B 228 -11.26 5.94 -15.52
N ARG B 229 -12.02 6.11 -16.61
CA ARG B 229 -13.47 6.17 -16.50
C ARG B 229 -14.06 4.85 -16.01
N VAL B 230 -13.44 3.71 -16.36
CA VAL B 230 -14.02 2.43 -15.97
C VAL B 230 -14.01 2.27 -14.46
N LEU B 231 -13.05 2.91 -13.76
CA LEU B 231 -13.02 2.79 -12.31
C LEU B 231 -14.32 3.32 -11.70
N LEU B 232 -14.83 4.42 -12.23
CA LEU B 232 -16.12 4.93 -11.75
C LEU B 232 -17.24 3.95 -12.07
N ALA B 233 -17.20 3.33 -13.25
CA ALA B 233 -18.26 2.40 -13.63
C ALA B 233 -18.27 1.18 -12.71
N ILE B 234 -17.10 0.67 -12.35
CA ILE B 234 -17.04 -0.48 -11.44
C ILE B 234 -17.64 -0.11 -10.08
N ALA B 235 -17.29 1.06 -9.56
CA ALA B 235 -17.79 1.46 -8.26
C ALA B 235 -19.31 1.62 -8.27
N ALA B 236 -19.86 2.15 -9.36
CA ALA B 236 -21.27 2.55 -9.39
C ALA B 236 -22.20 1.44 -9.87
N SER B 237 -21.72 0.48 -10.65
CA SER B 237 -22.59 -0.47 -11.32
C SER B 237 -22.83 -1.71 -10.46
N ASP B 238 -23.96 -2.37 -10.70
CA ASP B 238 -24.15 -3.72 -10.22
C ASP B 238 -23.09 -4.61 -10.85
N PRO B 239 -22.85 -5.79 -10.28
CA PRO B 239 -21.85 -6.67 -10.86
C PRO B 239 -22.20 -6.99 -12.30
N PRO B 240 -21.18 -7.16 -13.16
CA PRO B 240 -21.47 -7.52 -14.56
C PRO B 240 -22.08 -8.91 -14.66
N THR B 241 -22.85 -9.10 -15.73
CA THR B 241 -23.41 -10.39 -16.09
C THR B 241 -23.09 -10.66 -17.55
N LEU B 242 -23.32 -11.90 -17.98
CA LEU B 242 -23.11 -12.25 -19.38
C LEU B 242 -24.18 -11.59 -20.24
N LEU B 243 -23.77 -11.14 -21.43
CA LEU B 243 -24.63 -10.33 -22.28
C LEU B 243 -25.86 -11.11 -22.74
N THR B 244 -25.67 -12.37 -23.12
CA THR B 244 -26.75 -13.21 -23.65
C THR B 244 -26.89 -14.43 -22.75
N PRO B 245 -27.68 -14.33 -21.67
CA PRO B 245 -27.75 -15.45 -20.72
C PRO B 245 -28.10 -16.79 -21.35
N SER B 246 -28.98 -16.80 -22.35
CA SER B 246 -29.47 -18.04 -22.91
C SER B 246 -28.39 -18.84 -23.63
N LYS B 247 -27.27 -18.19 -23.97
CA LYS B 247 -26.16 -18.87 -24.62
C LYS B 247 -25.33 -19.70 -23.64
N TRP B 248 -25.57 -19.55 -22.34
CA TRP B 248 -24.68 -20.07 -21.32
C TRP B 248 -25.49 -20.84 -20.30
N SER B 249 -24.83 -21.77 -19.62
CA SER B 249 -25.52 -22.61 -18.66
C SER B 249 -25.87 -21.82 -17.40
N VAL B 250 -26.90 -22.30 -16.69
N VAL B 250 -26.89 -22.30 -16.69
CA VAL B 250 -27.24 -21.73 -15.40
CA VAL B 250 -27.24 -21.72 -15.40
C VAL B 250 -26.05 -21.83 -14.45
C VAL B 250 -26.06 -21.84 -14.43
N GLU B 251 -25.26 -22.90 -14.56
CA GLU B 251 -24.10 -23.06 -13.69
C GLU B 251 -23.09 -21.95 -13.93
N PHE B 252 -22.83 -21.61 -15.20
CA PHE B 252 -21.91 -20.51 -15.51
C PHE B 252 -22.41 -19.21 -14.92
N ARG B 253 -23.69 -18.89 -15.18
CA ARG B 253 -24.26 -17.65 -14.67
C ARG B 253 -24.23 -17.61 -13.14
N ASP B 254 -24.49 -18.73 -12.48
CA ASP B 254 -24.47 -18.75 -11.02
C ASP B 254 -23.04 -18.60 -10.50
N PHE B 255 -22.08 -19.26 -11.14
CA PHE B 255 -20.68 -19.08 -10.77
C PHE B 255 -20.31 -17.61 -10.79
N LEU B 256 -20.67 -16.91 -11.87
CA LEU B 256 -20.35 -15.50 -11.98
C LEU B 256 -21.06 -14.68 -10.91
N ALA B 257 -22.33 -14.98 -10.64
CA ALA B 257 -23.06 -14.23 -9.62
C ALA B 257 -22.41 -14.36 -8.25
N ILE B 258 -21.81 -15.52 -7.96
CA ILE B 258 -21.20 -15.73 -6.66
C ILE B 258 -19.79 -15.12 -6.61
N ALA B 259 -19.03 -15.24 -7.70
CA ALA B 259 -17.67 -14.70 -7.72
C ALA B 259 -17.68 -13.18 -7.81
N LEU B 260 -18.60 -12.62 -8.59
CA LEU B 260 -18.68 -11.18 -8.79
C LEU B 260 -19.57 -10.55 -7.71
N ASP B 261 -19.19 -10.83 -6.48
CA ASP B 261 -19.83 -10.27 -5.29
C ASP B 261 -19.04 -9.02 -4.91
N LYS B 262 -19.72 -7.86 -4.89
CA LYS B 262 -19.01 -6.64 -4.58
C LYS B 262 -18.47 -6.62 -3.16
N ASN B 263 -19.04 -7.43 -2.27
CA ASN B 263 -18.60 -7.48 -0.88
C ASN B 263 -17.52 -8.56 -0.76
N PRO B 264 -16.26 -8.20 -0.53
CA PRO B 264 -15.22 -9.24 -0.44
C PRO B 264 -15.42 -10.20 0.72
N GLU B 265 -16.07 -9.74 1.80
CA GLU B 265 -16.26 -10.60 2.97
C GLU B 265 -17.14 -11.81 2.65
N THR B 266 -18.11 -11.65 1.75
CA THR B 266 -18.99 -12.75 1.37
C THR B 266 -18.59 -13.42 0.07
N ARG B 267 -17.61 -12.88 -0.64
CA ARG B 267 -17.12 -13.52 -1.86
C ARG B 267 -16.37 -14.80 -1.46
N PRO B 268 -16.63 -15.93 -2.11
CA PRO B 268 -16.00 -17.19 -1.69
C PRO B 268 -14.53 -17.25 -2.06
N SER B 269 -13.83 -18.19 -1.42
CA SER B 269 -12.45 -18.49 -1.72
C SER B 269 -12.36 -19.38 -2.95
N ALA B 270 -11.13 -19.51 -3.46
CA ALA B 270 -10.89 -20.41 -4.59
C ALA B 270 -11.22 -21.85 -4.21
N ALA B 271 -10.85 -22.27 -2.99
CA ALA B 271 -11.13 -23.63 -2.56
C ALA B 271 -12.63 -23.89 -2.51
N GLN B 272 -13.41 -22.91 -2.05
CA GLN B 272 -14.86 -23.06 -2.05
C GLN B 272 -15.40 -23.15 -3.47
N LEU B 273 -14.88 -22.34 -4.38
CA LEU B 273 -15.38 -22.35 -5.75
C LEU B 273 -15.01 -23.64 -6.50
N LEU B 274 -13.98 -24.36 -6.06
CA LEU B 274 -13.68 -25.64 -6.69
C LEU B 274 -14.80 -26.64 -6.53
N GLU B 275 -15.71 -26.42 -5.58
CA GLU B 275 -16.85 -27.30 -5.37
C GLU B 275 -18.09 -26.86 -6.16
N HIS B 276 -18.03 -25.72 -6.82
CA HIS B 276 -19.20 -25.23 -7.55
C HIS B 276 -19.42 -26.09 -8.80
N PRO B 277 -20.68 -26.39 -9.14
CA PRO B 277 -20.94 -27.31 -10.26
C PRO B 277 -20.43 -26.83 -11.61
N PHE B 278 -20.09 -25.55 -11.76
CA PHE B 278 -19.50 -25.09 -13.01
C PHE B 278 -18.14 -25.74 -13.28
N VAL B 279 -17.43 -26.13 -12.21
CA VAL B 279 -16.08 -26.67 -12.37
C VAL B 279 -15.85 -27.98 -11.61
N SER B 280 -16.77 -28.35 -10.72
CA SER B 280 -16.47 -29.44 -9.79
C SER B 280 -16.27 -30.79 -10.47
N SER B 281 -16.84 -30.97 -11.66
N SER B 281 -16.85 -30.98 -11.66
CA SER B 281 -16.71 -32.22 -12.40
CA SER B 281 -16.70 -32.23 -12.39
C SER B 281 -15.72 -32.12 -13.56
C SER B 281 -15.77 -32.10 -13.59
N ILE B 282 -15.00 -31.01 -13.68
CA ILE B 282 -14.06 -30.81 -14.78
C ILE B 282 -12.78 -31.56 -14.43
N THR B 283 -12.59 -32.71 -15.08
CA THR B 283 -11.41 -33.56 -14.86
C THR B 283 -10.64 -33.86 -16.15
N SER B 284 -11.02 -33.23 -17.27
CA SER B 284 -10.32 -33.37 -18.53
C SER B 284 -10.13 -32.00 -19.15
N ASN B 285 -8.94 -31.76 -19.69
CA ASN B 285 -8.64 -30.51 -20.38
C ASN B 285 -8.94 -30.56 -21.88
N LYS B 286 -9.65 -31.59 -22.35
CA LYS B 286 -9.70 -31.84 -23.80
C LYS B 286 -10.35 -30.70 -24.58
N ALA B 287 -11.34 -30.01 -24.01
CA ALA B 287 -11.96 -28.91 -24.74
C ALA B 287 -10.95 -27.80 -25.00
N LEU B 288 -10.09 -27.54 -24.02
CA LEU B 288 -9.09 -26.50 -24.18
C LEU B 288 -7.94 -26.99 -25.05
N ARG B 289 -7.59 -28.26 -24.96
CA ARG B 289 -6.60 -28.83 -25.87
C ARG B 289 -7.03 -28.61 -27.32
N GLU B 290 -8.32 -28.74 -27.60
CA GLU B 290 -8.82 -28.58 -28.96
C GLU B 290 -8.78 -27.13 -29.39
N LEU B 291 -9.07 -26.20 -28.48
CA LEU B 291 -8.92 -24.78 -28.80
C LEU B 291 -7.50 -24.48 -29.26
N VAL B 292 -6.51 -24.96 -28.50
CA VAL B 292 -5.11 -24.74 -28.86
C VAL B 292 -4.78 -25.40 -30.19
N ALA B 293 -5.30 -26.60 -30.42
CA ALA B 293 -5.05 -27.28 -31.69
C ALA B 293 -5.57 -26.45 -32.86
N GLU B 294 -6.74 -25.84 -32.69
CA GLU B 294 -7.30 -25.00 -33.75
C GLU B 294 -6.46 -23.76 -33.97
N ALA B 295 -6.01 -23.11 -32.90
CA ALA B 295 -5.17 -21.93 -33.06
C ALA B 295 -3.85 -22.28 -33.74
N LYS B 296 -3.25 -23.40 -33.33
CA LYS B 296 -2.00 -23.83 -33.94
C LYS B 296 -2.18 -24.14 -35.42
N ALA B 297 -3.30 -24.80 -35.77
CA ALA B 297 -3.55 -25.10 -37.17
C ALA B 297 -3.71 -23.83 -38.00
N GLU B 298 -4.29 -22.78 -37.41
CA GLU B 298 -4.40 -21.52 -38.15
C GLU B 298 -3.05 -20.86 -38.34
N VAL B 299 -2.15 -20.99 -37.36
CA VAL B 299 -0.82 -20.40 -37.50
C VAL B 299 -0.04 -21.11 -38.60
N MET B 300 -0.21 -22.44 -38.72
CA MET B 300 0.48 -23.18 -39.77
C MET B 300 0.13 -22.66 -41.16
N GLU B 301 -0.92 -21.84 -41.28
CA GLU B 301 -1.27 -21.19 -42.53
C GLU B 301 -0.38 -19.99 -42.83
N GLU B 302 0.20 -19.39 -41.80
CA GLU B 302 0.87 -18.10 -41.92
C GLU B 302 2.33 -18.28 -42.32
#